data_1MZD
#
_entry.id   1MZD
#
_cell.length_a   31.750
_cell.length_b   78.860
_cell.length_c   85.250
_cell.angle_alpha   90.00
_cell.angle_beta   90.00
_cell.angle_gamma   90.00
#
_symmetry.space_group_name_H-M   'P 21 21 21'
#
loop_
_entity.id
_entity.type
_entity.pdbx_description
1 polymer 'pro-granzyme K'
2 water water
#
_entity_poly.entity_id   1
_entity_poly.type   'polypeptide(L)'
_entity_poly.pdbx_seq_one_letter_code
;MEIIGGKEVSPHSRPFMASIQYGGHHVCGGVLIDPQWVLTAAHCQYRFTKGQSPTVVLGAHSLSKNEASKQTLEIKKFIP
FSRVTSDPQSNDIMLVKLQTAAKLNKHVKMLHIRSKTSLRSGTKCKVTGWGATDPDSLRPSDTLREVTVTVLSRKLCNSQ
SYYNGDPFITKDMVCAGDAKGQKDSCKGDAGGPLICKGVFHAIVSGGHECGVATKPGIYTLLTKKYQTWIKSNLVPPHTN
;
_entity_poly.pdbx_strand_id   A
#
# COMPACT_ATOMS: atom_id res chain seq x y z
N MET A 1 -6.04 -25.02 16.59
CA MET A 1 -7.29 -24.28 16.26
C MET A 1 -7.06 -22.78 16.25
N GLU A 2 -6.51 -22.27 17.35
CA GLU A 2 -6.22 -20.84 17.47
C GLU A 2 -4.88 -20.49 16.83
N ILE A 3 -4.41 -19.28 17.10
CA ILE A 3 -3.14 -18.80 16.55
C ILE A 3 -3.18 -18.74 15.02
N ILE A 4 -2.88 -17.57 14.47
CA ILE A 4 -2.89 -17.38 13.02
C ILE A 4 -2.25 -16.05 12.67
N GLY A 5 -1.45 -16.05 11.60
CA GLY A 5 -0.78 -14.84 11.18
C GLY A 5 -0.32 -14.88 9.73
N GLY A 6 0.50 -13.92 9.35
CA GLY A 6 1.00 -13.87 7.98
C GLY A 6 2.18 -14.80 7.75
N LYS A 7 2.61 -14.90 6.49
CA LYS A 7 3.73 -15.74 6.14
C LYS A 7 4.66 -15.06 5.13
N GLU A 8 5.96 -15.30 5.25
CA GLU A 8 6.92 -14.71 4.35
C GLU A 8 6.79 -15.36 2.98
N VAL A 9 6.70 -14.56 1.92
CA VAL A 9 6.52 -15.07 0.56
C VAL A 9 7.78 -15.57 -0.14
N SER A 10 7.57 -16.30 -1.23
CA SER A 10 8.68 -16.83 -2.00
C SER A 10 9.46 -15.65 -2.56
N PRO A 11 10.74 -15.52 -2.17
CA PRO A 11 11.58 -14.43 -2.64
C PRO A 11 11.28 -13.95 -4.05
N HIS A 12 10.92 -12.67 -4.16
CA HIS A 12 10.65 -12.06 -5.45
C HIS A 12 9.44 -12.61 -6.18
N SER A 13 8.45 -13.06 -5.44
CA SER A 13 7.23 -13.58 -6.06
C SER A 13 6.22 -12.45 -6.31
N ARG A 14 6.53 -11.24 -5.86
CA ARG A 14 5.67 -10.06 -6.05
C ARG A 14 6.50 -8.96 -6.70
N PRO A 15 7.11 -9.25 -7.87
CA PRO A 15 7.97 -8.33 -8.63
C PRO A 15 7.52 -6.89 -8.75
N PHE A 16 6.28 -6.61 -8.37
CA PHE A 16 5.76 -5.25 -8.47
C PHE A 16 5.95 -4.46 -7.19
N MET A 17 6.19 -5.14 -6.08
CA MET A 17 6.37 -4.45 -4.79
C MET A 17 7.51 -3.44 -4.75
N ALA A 18 7.33 -2.40 -3.95
CA ALA A 18 8.33 -1.35 -3.83
C ALA A 18 8.37 -0.81 -2.40
N SER A 19 9.58 -0.51 -1.94
CA SER A 19 9.75 0.04 -0.60
C SER A 19 10.05 1.53 -0.68
N ILE A 20 9.28 2.33 0.04
CA ILE A 20 9.53 3.76 0.03
C ILE A 20 10.49 3.90 1.19
N GLN A 21 11.58 4.63 1.00
CA GLN A 21 12.54 4.79 2.08
C GLN A 21 13.09 6.18 2.30
N TYR A 22 13.21 6.55 3.57
CA TYR A 22 13.76 7.84 3.98
C TYR A 22 15.07 7.55 4.69
N GLY A 23 16.17 8.01 4.09
CA GLY A 23 17.46 7.76 4.67
C GLY A 23 17.77 6.27 4.67
N GLY A 24 17.36 5.58 3.62
CA GLY A 24 17.60 4.16 3.53
C GLY A 24 16.72 3.30 4.43
N HIS A 25 15.79 3.91 5.14
CA HIS A 25 14.91 3.16 6.02
C HIS A 25 13.52 3.07 5.41
N HIS A 26 12.98 1.85 5.38
CA HIS A 26 11.65 1.60 4.84
C HIS A 26 10.57 2.26 5.68
N VAL A 27 9.65 2.96 5.02
CA VAL A 27 8.56 3.60 5.74
C VAL A 27 7.22 3.18 5.20
N CYS A 28 7.20 2.72 3.95
CA CYS A 28 5.94 2.31 3.32
C CYS A 28 6.02 1.38 2.12
N GLY A 29 4.86 0.85 1.78
CA GLY A 29 4.77 -0.02 0.63
C GLY A 29 4.38 0.82 -0.59
N GLY A 30 4.37 0.16 -1.74
CA GLY A 30 4.01 0.85 -2.96
C GLY A 30 3.91 -0.20 -4.04
N VAL A 31 3.34 0.18 -5.17
CA VAL A 31 3.19 -0.73 -6.30
C VAL A 31 3.59 -0.08 -7.61
N LEU A 32 4.64 -0.61 -8.25
CA LEU A 32 5.13 -0.11 -9.54
C LEU A 32 4.06 -0.36 -10.58
N ILE A 33 3.57 0.68 -11.23
CA ILE A 33 2.50 0.54 -12.21
C ILE A 33 2.86 1.10 -13.58
N ASP A 34 4.08 1.60 -13.69
CA ASP A 34 4.58 2.18 -14.93
C ASP A 34 6.06 2.47 -14.73
N PRO A 35 6.88 2.23 -15.77
CA PRO A 35 8.32 2.46 -15.70
C PRO A 35 8.85 3.58 -14.79
N GLN A 36 8.10 4.67 -14.64
CA GLN A 36 8.58 5.77 -13.80
C GLN A 36 7.56 6.30 -12.78
N TRP A 37 6.71 5.41 -12.28
CA TRP A 37 5.66 5.80 -11.34
C TRP A 37 5.29 4.71 -10.34
N VAL A 38 5.22 5.10 -9.07
CA VAL A 38 4.84 4.18 -8.01
C VAL A 38 3.54 4.68 -7.37
N LEU A 39 2.69 3.74 -6.97
CA LEU A 39 1.42 4.10 -6.35
C LEU A 39 1.47 3.70 -4.89
N THR A 40 1.28 4.68 -4.01
CA THR A 40 1.33 4.39 -2.59
C THR A 40 0.41 5.31 -1.81
N ALA A 41 0.26 5.08 -0.51
CA ALA A 41 -0.59 5.93 0.31
C ALA A 41 0.08 7.29 0.37
N ALA A 42 -0.71 8.34 0.55
CA ALA A 42 -0.17 9.70 0.62
C ALA A 42 0.39 9.97 2.00
N HIS A 43 -0.16 9.27 2.99
CA HIS A 43 0.26 9.35 4.38
C HIS A 43 1.76 9.15 4.46
N CYS A 44 2.26 8.33 3.54
CA CYS A 44 3.66 7.94 3.43
C CYS A 44 4.70 8.99 3.07
N GLN A 45 4.30 10.24 3.01
CA GLN A 45 5.26 11.29 2.66
C GLN A 45 5.52 12.15 3.88
N TYR A 46 6.67 11.94 4.51
CA TYR A 46 7.04 12.70 5.70
C TYR A 46 7.25 14.16 5.32
N ARG A 47 6.43 15.03 5.90
CA ARG A 47 6.48 16.45 5.62
C ARG A 47 7.40 17.27 6.54
N PHE A 48 7.80 16.68 7.68
CA PHE A 48 8.66 17.38 8.64
C PHE A 48 10.15 17.13 8.36
N THR A 49 10.54 17.30 7.11
CA THR A 49 11.91 17.10 6.70
C THR A 49 12.09 17.62 5.29
N LYS A 50 13.16 18.38 5.08
CA LYS A 50 13.47 18.90 3.76
C LYS A 50 14.59 17.99 3.30
N GLY A 51 15.16 17.26 4.25
CA GLY A 51 16.24 16.32 3.98
C GLY A 51 15.79 14.87 3.98
N GLN A 52 16.66 13.97 4.45
CA GLN A 52 16.36 12.55 4.49
C GLN A 52 16.05 12.07 3.08
N SER A 53 17.09 11.95 2.27
CA SER A 53 16.99 11.51 0.87
C SER A 53 15.95 10.42 0.64
N PRO A 54 14.82 10.78 0.02
CA PRO A 54 13.72 9.85 -0.30
C PRO A 54 14.15 8.93 -1.43
N THR A 55 14.00 7.62 -1.23
CA THR A 55 14.40 6.68 -2.25
C THR A 55 13.44 5.49 -2.34
N VAL A 56 13.33 4.95 -3.54
CA VAL A 56 12.47 3.80 -3.79
C VAL A 56 13.31 2.57 -4.09
N VAL A 57 12.97 1.45 -3.47
CA VAL A 57 13.71 0.21 -3.68
C VAL A 57 12.86 -0.85 -4.34
N LEU A 58 13.33 -1.36 -5.47
CA LEU A 58 12.62 -2.37 -6.21
C LEU A 58 13.40 -3.69 -6.26
N GLY A 59 12.76 -4.74 -6.76
CA GLY A 59 13.40 -6.04 -6.87
C GLY A 59 14.04 -6.55 -5.59
N ALA A 60 13.42 -6.29 -4.45
CA ALA A 60 13.97 -6.72 -3.16
C ALA A 60 13.09 -7.71 -2.40
N HIS A 61 13.72 -8.53 -1.57
CA HIS A 61 12.99 -9.50 -0.76
C HIS A 61 13.28 -9.14 0.68
N SER A 62 14.57 -9.02 1.00
CA SER A 62 15.04 -8.66 2.32
C SER A 62 15.36 -7.19 2.36
N LEU A 63 14.78 -6.50 3.33
CA LEU A 63 15.03 -5.07 3.48
C LEU A 63 16.47 -4.79 3.91
N SER A 64 17.10 -5.78 4.54
CA SER A 64 18.47 -5.63 5.07
C SER A 64 19.62 -6.12 4.18
N LYS A 65 19.53 -7.39 3.79
CA LYS A 65 20.52 -8.06 2.97
C LYS A 65 20.68 -7.51 1.55
N ASN A 66 21.88 -7.64 1.01
CA ASN A 66 22.11 -7.16 -0.35
C ASN A 66 21.39 -8.13 -1.27
N GLU A 67 21.19 -7.70 -2.52
CA GLU A 67 20.51 -8.54 -3.47
C GLU A 67 20.74 -8.12 -4.91
N ALA A 68 21.09 -9.10 -5.73
CA ALA A 68 21.34 -8.87 -7.15
C ALA A 68 20.11 -8.31 -7.88
N SER A 69 18.95 -8.36 -7.24
CA SER A 69 17.71 -7.86 -7.86
C SER A 69 17.37 -6.42 -7.48
N LYS A 70 17.72 -6.00 -6.28
CA LYS A 70 17.38 -4.65 -5.84
C LYS A 70 17.80 -3.53 -6.78
N GLN A 71 16.93 -2.53 -6.89
CA GLN A 71 17.12 -1.32 -7.71
C GLN A 71 16.68 -0.09 -6.90
N THR A 72 17.60 0.81 -6.63
CA THR A 72 17.25 2.01 -5.88
C THR A 72 17.17 3.24 -6.79
N LEU A 73 15.98 3.80 -6.93
CA LEU A 73 15.79 4.98 -7.76
C LEU A 73 15.50 6.16 -6.85
N GLU A 74 15.48 7.36 -7.41
CA GLU A 74 15.20 8.55 -6.61
C GLU A 74 13.91 9.22 -7.04
N ILE A 75 13.16 9.69 -6.04
CA ILE A 75 11.89 10.34 -6.28
C ILE A 75 12.03 11.69 -6.94
N LYS A 76 11.37 11.87 -8.07
CA LYS A 76 11.42 13.14 -8.80
C LYS A 76 10.47 14.15 -8.18
N LYS A 77 9.24 13.73 -7.89
CA LYS A 77 8.22 14.60 -7.30
C LYS A 77 7.04 13.80 -6.76
N PHE A 78 6.61 14.08 -5.53
CA PHE A 78 5.48 13.38 -4.93
C PHE A 78 4.19 14.01 -5.45
N ILE A 79 3.31 13.19 -5.99
CA ILE A 79 2.03 13.70 -6.46
C ILE A 79 0.97 13.05 -5.56
N PRO A 80 0.52 13.77 -4.52
CA PRO A 80 -0.50 13.29 -3.59
C PRO A 80 -1.86 13.75 -4.09
N PHE A 81 -2.93 13.12 -3.60
CA PHE A 81 -4.26 13.48 -4.06
C PHE A 81 -4.68 14.86 -3.57
N SER A 82 -3.95 15.40 -2.59
CA SER A 82 -4.24 16.73 -2.07
C SER A 82 -3.35 17.75 -2.80
N ARG A 83 -3.82 18.99 -2.91
CA ARG A 83 -3.03 20.02 -3.57
C ARG A 83 -2.21 20.81 -2.55
N VAL A 84 -0.91 20.58 -2.55
CA VAL A 84 0.01 21.25 -1.62
C VAL A 84 -0.23 20.80 -0.19
N THR A 85 -1.35 21.24 0.38
CA THR A 85 -1.70 20.88 1.76
C THR A 85 -3.12 20.34 1.84
N SER A 86 -4.11 21.22 1.63
CA SER A 86 -5.51 20.84 1.69
C SER A 86 -5.85 20.10 2.98
N ASP A 87 -6.75 19.13 2.88
CA ASP A 87 -7.16 18.34 4.03
C ASP A 87 -6.47 16.98 4.03
N PRO A 88 -5.41 16.83 4.84
CA PRO A 88 -4.67 15.58 4.93
C PRO A 88 -5.46 14.49 5.64
N GLN A 89 -6.69 14.27 5.19
CA GLN A 89 -7.55 13.25 5.78
C GLN A 89 -7.86 12.16 4.74
N SER A 90 -9.11 12.11 4.29
CA SER A 90 -9.51 11.12 3.30
C SER A 90 -8.60 11.20 2.07
N ASN A 91 -8.91 10.38 1.06
CA ASN A 91 -8.16 10.33 -0.19
C ASN A 91 -6.70 9.95 0.00
N ASP A 92 -6.45 9.03 0.93
CA ASP A 92 -5.09 8.59 1.22
C ASP A 92 -4.51 7.78 0.07
N ILE A 93 -4.15 8.46 -1.01
CA ILE A 93 -3.61 7.80 -2.20
C ILE A 93 -2.61 8.74 -2.86
N MET A 94 -1.46 8.21 -3.23
CA MET A 94 -0.44 9.05 -3.83
C MET A 94 0.33 8.40 -4.97
N LEU A 95 0.90 9.24 -5.81
CA LEU A 95 1.69 8.79 -6.94
C LEU A 95 3.12 9.27 -6.77
N VAL A 96 4.07 8.34 -6.70
CA VAL A 96 5.47 8.72 -6.57
C VAL A 96 6.12 8.78 -7.95
N LYS A 97 6.70 9.94 -8.29
CA LYS A 97 7.33 10.12 -9.59
C LYS A 97 8.83 9.91 -9.44
N LEU A 98 9.38 8.93 -10.15
CA LEU A 98 10.81 8.61 -10.07
C LEU A 98 11.68 9.47 -10.98
N GLN A 99 12.97 9.54 -10.69
CA GLN A 99 13.90 10.33 -11.49
C GLN A 99 14.14 9.69 -12.85
N THR A 100 14.29 8.38 -12.85
CA THR A 100 14.54 7.63 -14.09
C THR A 100 13.67 6.38 -14.10
N ALA A 101 13.27 5.94 -15.28
CA ALA A 101 12.47 4.73 -15.36
C ALA A 101 13.34 3.60 -14.81
N ALA A 102 12.70 2.57 -14.25
CA ALA A 102 13.42 1.45 -13.68
C ALA A 102 13.60 0.29 -14.65
N LYS A 103 14.74 -0.38 -14.56
CA LYS A 103 15.06 -1.52 -15.41
C LYS A 103 14.03 -2.60 -15.11
N LEU A 104 13.41 -3.14 -16.14
CA LEU A 104 12.40 -4.16 -15.94
C LEU A 104 12.87 -5.57 -16.24
N ASN A 105 13.04 -6.37 -15.20
CA ASN A 105 13.47 -7.75 -15.37
C ASN A 105 12.39 -8.64 -14.76
N LYS A 106 12.72 -9.89 -14.46
CA LYS A 106 11.75 -10.82 -13.88
C LYS A 106 11.46 -10.58 -12.40
N HIS A 107 12.40 -9.95 -11.70
CA HIS A 107 12.21 -9.68 -10.29
C HIS A 107 11.57 -8.32 -10.07
N VAL A 108 11.40 -7.57 -11.15
CA VAL A 108 10.82 -6.23 -11.10
C VAL A 108 9.84 -6.06 -12.25
N LYS A 109 8.56 -6.20 -11.95
CA LYS A 109 7.51 -6.06 -12.97
C LYS A 109 6.49 -5.03 -12.52
N MET A 110 5.49 -4.82 -13.37
CA MET A 110 4.43 -3.87 -13.07
C MET A 110 3.15 -4.58 -12.70
N LEU A 111 2.26 -3.87 -12.03
CA LEU A 111 0.97 -4.43 -11.64
C LEU A 111 -0.04 -3.49 -12.25
N HIS A 112 -1.07 -4.04 -12.88
CA HIS A 112 -2.08 -3.21 -13.52
C HIS A 112 -3.23 -2.83 -12.62
N ILE A 113 -3.75 -1.61 -12.81
CA ILE A 113 -4.85 -1.12 -12.02
C ILE A 113 -6.17 -1.76 -12.43
N ARG A 114 -7.07 -1.93 -11.46
CA ARG A 114 -8.37 -2.52 -11.72
C ARG A 114 -9.18 -1.70 -12.72
N SER A 115 -10.10 -2.37 -13.40
CA SER A 115 -10.97 -1.71 -14.38
C SER A 115 -12.43 -2.01 -14.02
N LYS A 116 -13.19 -2.50 -14.98
CA LYS A 116 -14.61 -2.83 -14.77
C LYS A 116 -14.87 -3.60 -13.48
N THR A 117 -13.92 -4.47 -13.11
CA THR A 117 -14.08 -5.29 -11.92
C THR A 117 -14.46 -4.52 -10.66
N SER A 118 -15.36 -5.13 -9.89
CA SER A 118 -15.88 -4.60 -8.63
C SER A 118 -15.43 -5.51 -7.48
N LEU A 119 -15.67 -5.08 -6.25
CA LEU A 119 -15.26 -5.86 -5.08
C LEU A 119 -16.36 -6.07 -4.05
N ARG A 120 -16.95 -7.27 -4.02
CA ARG A 120 -18.01 -7.57 -3.07
C ARG A 120 -17.46 -7.88 -1.69
N SER A 121 -18.14 -7.43 -0.64
CA SER A 121 -17.67 -7.73 0.71
C SER A 121 -17.75 -9.24 0.87
N GLY A 122 -16.91 -9.79 1.75
CA GLY A 122 -16.92 -11.23 1.97
C GLY A 122 -15.86 -11.96 1.18
N THR A 123 -15.27 -11.26 0.21
CA THR A 123 -14.23 -11.81 -0.62
C THR A 123 -12.94 -11.97 0.18
N LYS A 124 -12.18 -13.00 -0.16
CA LYS A 124 -10.91 -13.24 0.52
C LYS A 124 -9.83 -12.55 -0.30
N CYS A 125 -9.14 -11.60 0.32
CA CYS A 125 -8.09 -10.85 -0.36
C CYS A 125 -6.77 -11.08 0.36
N LYS A 126 -5.68 -10.64 -0.27
CA LYS A 126 -4.36 -10.79 0.31
C LYS A 126 -3.60 -9.48 0.34
N VAL A 127 -2.98 -9.16 1.47
CA VAL A 127 -2.21 -7.93 1.60
C VAL A 127 -0.73 -8.26 1.51
N THR A 128 0.02 -7.47 0.76
CA THR A 128 1.43 -7.74 0.64
C THR A 128 2.24 -6.54 1.09
N GLY A 129 3.34 -6.81 1.77
CA GLY A 129 4.19 -5.74 2.26
C GLY A 129 5.22 -6.17 3.28
N TRP A 130 5.86 -5.19 3.90
CA TRP A 130 6.87 -5.47 4.89
C TRP A 130 6.44 -5.16 6.34
N GLY A 131 5.14 -5.14 6.59
CA GLY A 131 4.65 -4.84 7.92
C GLY A 131 4.99 -5.84 9.01
N ALA A 132 5.56 -5.33 10.10
CA ALA A 132 5.96 -6.16 11.24
C ALA A 132 4.80 -6.97 11.82
N THR A 133 5.13 -7.97 12.63
CA THR A 133 4.11 -8.83 13.24
C THR A 133 3.94 -8.56 14.73
N ASP A 134 4.77 -7.66 15.27
CA ASP A 134 4.71 -7.30 16.67
C ASP A 134 4.07 -5.92 16.78
N PRO A 135 2.90 -5.83 17.43
CA PRO A 135 2.27 -4.51 17.56
C PRO A 135 3.24 -3.52 18.19
N ASP A 136 4.24 -4.04 18.89
CA ASP A 136 5.22 -3.19 19.55
C ASP A 136 6.52 -3.04 18.80
N SER A 137 6.72 -3.87 17.77
CA SER A 137 7.94 -3.80 16.97
C SER A 137 8.16 -2.36 16.55
N LEU A 138 9.38 -1.86 16.72
CA LEU A 138 9.69 -0.49 16.34
C LEU A 138 10.20 -0.48 14.91
N ARG A 139 10.55 -1.67 14.43
CA ARG A 139 11.08 -1.83 13.08
C ARG A 139 10.12 -2.63 12.21
N PRO A 140 10.15 -2.42 10.89
CA PRO A 140 9.26 -3.13 9.97
C PRO A 140 9.75 -4.56 9.79
N SER A 141 9.09 -5.31 8.92
CA SER A 141 9.45 -6.70 8.65
C SER A 141 10.63 -6.76 7.68
N ASP A 142 11.62 -7.58 7.99
CA ASP A 142 12.78 -7.66 7.11
C ASP A 142 12.44 -8.25 5.76
N THR A 143 11.83 -9.43 5.79
CA THR A 143 11.43 -10.14 4.58
C THR A 143 10.03 -9.71 4.16
N LEU A 144 9.73 -9.83 2.86
CA LEU A 144 8.44 -9.46 2.30
C LEU A 144 7.41 -10.56 2.59
N ARG A 145 6.36 -10.24 3.35
CA ARG A 145 5.35 -11.22 3.70
C ARG A 145 3.94 -10.93 3.15
N GLU A 146 3.02 -11.84 3.45
CA GLU A 146 1.64 -11.70 2.96
C GLU A 146 0.58 -12.18 3.95
N VAL A 147 -0.49 -11.40 4.10
CA VAL A 147 -1.56 -11.80 5.00
C VAL A 147 -2.86 -11.91 4.24
N THR A 148 -3.69 -12.87 4.64
CA THR A 148 -4.99 -13.04 4.02
C THR A 148 -5.98 -12.21 4.82
N VAL A 149 -6.98 -11.68 4.12
CA VAL A 149 -7.96 -10.83 4.77
C VAL A 149 -9.33 -11.08 4.15
N THR A 150 -10.37 -10.52 4.78
CA THR A 150 -11.72 -10.66 4.25
C THR A 150 -12.38 -9.30 4.18
N VAL A 151 -12.83 -8.93 2.99
CA VAL A 151 -13.49 -7.65 2.82
C VAL A 151 -14.74 -7.57 3.70
N LEU A 152 -14.70 -6.70 4.70
CA LEU A 152 -15.85 -6.55 5.58
C LEU A 152 -16.87 -5.71 4.82
N SER A 153 -18.08 -5.63 5.36
CA SER A 153 -19.13 -4.84 4.75
C SER A 153 -19.10 -3.45 5.36
N ARG A 154 -19.36 -2.44 4.53
CA ARG A 154 -19.37 -1.07 5.01
C ARG A 154 -20.40 -0.92 6.11
N LYS A 155 -21.58 -1.52 5.92
CA LYS A 155 -22.64 -1.43 6.90
C LYS A 155 -22.15 -1.89 8.26
N LEU A 156 -21.42 -3.01 8.29
CA LEU A 156 -20.89 -3.54 9.53
C LEU A 156 -19.63 -2.81 9.97
N CYS A 157 -18.89 -2.26 9.02
CA CYS A 157 -17.66 -1.57 9.37
C CYS A 157 -17.98 -0.17 9.91
N ASN A 158 -19.11 0.39 9.47
CA ASN A 158 -19.54 1.72 9.90
C ASN A 158 -20.46 1.65 11.13
N SER A 159 -20.56 0.47 11.73
CA SER A 159 -21.38 0.26 12.91
C SER A 159 -20.75 0.93 14.13
N GLN A 160 -21.55 1.06 15.20
CA GLN A 160 -21.08 1.67 16.44
C GLN A 160 -20.00 0.75 17.02
N SER A 161 -20.10 -0.54 16.69
CA SER A 161 -19.16 -1.53 17.18
C SER A 161 -17.78 -1.32 16.59
N TYR A 162 -17.74 -0.78 15.38
CA TYR A 162 -16.46 -0.53 14.70
C TYR A 162 -16.14 0.95 14.67
N TYR A 163 -15.73 1.45 13.49
CA TYR A 163 -15.38 2.86 13.36
C TYR A 163 -16.48 3.84 13.70
N ASN A 164 -17.71 3.34 13.69
CA ASN A 164 -18.87 4.14 14.05
C ASN A 164 -18.79 5.56 13.51
N GLY A 165 -18.64 5.69 12.20
CA GLY A 165 -18.57 7.00 11.58
C GLY A 165 -17.29 7.82 11.64
N ASP A 166 -16.30 7.41 12.44
CA ASP A 166 -15.07 8.18 12.52
C ASP A 166 -13.80 7.37 12.60
N PRO A 167 -13.11 7.19 11.46
CA PRO A 167 -13.49 7.69 10.14
C PRO A 167 -14.70 6.97 9.57
N PHE A 168 -15.41 7.64 8.68
CA PHE A 168 -16.58 7.06 8.05
C PHE A 168 -16.04 6.42 6.79
N ILE A 169 -16.43 5.18 6.52
CA ILE A 169 -15.94 4.50 5.33
C ILE A 169 -16.84 4.80 4.14
N THR A 170 -16.36 5.74 3.33
CA THR A 170 -17.08 6.16 2.15
C THR A 170 -17.06 5.10 1.05
N LYS A 171 -17.68 5.42 -0.08
CA LYS A 171 -17.79 4.52 -1.22
C LYS A 171 -16.46 4.24 -1.90
N ASP A 172 -15.41 4.94 -1.49
CA ASP A 172 -14.10 4.78 -2.09
C ASP A 172 -13.13 3.98 -1.25
N MET A 173 -13.50 3.70 0.00
CA MET A 173 -12.63 2.95 0.88
C MET A 173 -13.19 1.57 1.12
N VAL A 174 -12.40 0.70 1.72
CA VAL A 174 -12.88 -0.65 2.02
C VAL A 174 -12.22 -1.19 3.29
N CYS A 175 -12.93 -2.07 4.00
CA CYS A 175 -12.42 -2.64 5.24
C CYS A 175 -12.01 -4.09 5.05
N ALA A 176 -11.10 -4.55 5.91
CA ALA A 176 -10.66 -5.94 5.82
C ALA A 176 -9.93 -6.35 7.09
N GLY A 177 -10.18 -7.58 7.54
CA GLY A 177 -9.56 -8.10 8.73
C GLY A 177 -10.00 -9.54 9.00
N ASP A 178 -9.63 -10.08 10.16
CA ASP A 178 -9.98 -11.45 10.53
C ASP A 178 -11.37 -11.49 11.12
N ALA A 179 -11.81 -12.68 11.54
CA ALA A 179 -13.12 -12.86 12.12
C ALA A 179 -13.32 -11.90 13.30
N LYS A 180 -12.22 -11.56 13.96
CA LYS A 180 -12.30 -10.63 15.08
C LYS A 180 -12.38 -9.20 14.54
N GLY A 181 -12.44 -9.09 13.23
CA GLY A 181 -12.53 -7.77 12.62
C GLY A 181 -11.37 -6.85 12.96
N GLN A 182 -10.18 -7.43 13.06
CA GLN A 182 -9.00 -6.65 13.38
C GLN A 182 -7.96 -6.75 12.27
N LYS A 183 -6.98 -5.85 12.33
CA LYS A 183 -5.88 -5.77 11.37
C LYS A 183 -4.65 -6.58 11.77
N ASP A 184 -4.14 -7.37 10.82
CA ASP A 184 -2.98 -8.23 11.04
C ASP A 184 -1.65 -7.49 10.86
N SER A 185 -1.31 -7.15 9.61
CA SER A 185 -0.06 -6.44 9.33
C SER A 185 0.11 -5.22 10.23
N CYS A 186 1.32 -5.01 10.72
CA CYS A 186 1.58 -3.88 11.60
C CYS A 186 2.45 -2.79 10.99
N LYS A 187 3.48 -2.39 11.71
CA LYS A 187 4.39 -1.34 11.25
C LYS A 187 4.92 -1.55 9.84
N GLY A 188 4.86 -0.48 9.04
CA GLY A 188 5.37 -0.50 7.67
C GLY A 188 4.59 -1.19 6.58
N ASP A 189 3.31 -1.50 6.80
CA ASP A 189 2.51 -2.16 5.78
C ASP A 189 1.75 -1.18 4.91
N ALA A 190 1.62 0.05 5.38
CA ALA A 190 0.90 1.06 4.64
C ALA A 190 1.43 1.26 3.22
N GLY A 191 0.52 1.44 2.27
CA GLY A 191 0.94 1.68 0.91
C GLY A 191 0.92 0.44 0.05
N GLY A 192 1.01 -0.72 0.69
CA GLY A 192 0.99 -1.97 -0.04
C GLY A 192 -0.31 -2.18 -0.81
N PRO A 193 -0.41 -3.26 -1.60
CA PRO A 193 -1.64 -3.47 -2.35
C PRO A 193 -2.63 -4.45 -1.71
N LEU A 194 -3.86 -4.42 -2.24
CA LEU A 194 -4.93 -5.32 -1.81
C LEU A 194 -5.32 -6.05 -3.07
N ILE A 195 -4.75 -7.23 -3.26
CA ILE A 195 -5.05 -8.04 -4.42
C ILE A 195 -6.13 -9.04 -4.03
N CYS A 196 -7.21 -9.08 -4.80
CA CYS A 196 -8.27 -10.03 -4.51
C CYS A 196 -8.59 -10.74 -5.81
N LYS A 197 -8.73 -12.06 -5.76
CA LYS A 197 -9.05 -12.83 -6.95
C LYS A 197 -8.11 -12.48 -8.10
N GLY A 198 -6.85 -12.19 -7.79
CA GLY A 198 -5.90 -11.86 -8.82
C GLY A 198 -6.12 -10.51 -9.46
N VAL A 199 -6.63 -9.54 -8.70
CA VAL A 199 -6.84 -8.20 -9.24
C VAL A 199 -6.48 -7.11 -8.25
N PHE A 200 -5.57 -6.23 -8.66
CA PHE A 200 -5.13 -5.12 -7.84
C PHE A 200 -6.37 -4.22 -7.61
N HIS A 201 -6.95 -4.27 -6.42
CA HIS A 201 -8.13 -3.49 -6.11
C HIS A 201 -7.91 -2.18 -5.37
N ALA A 202 -7.15 -2.23 -4.27
CA ALA A 202 -6.96 -1.02 -3.47
C ALA A 202 -5.55 -0.83 -2.96
N ILE A 203 -5.41 0.17 -2.09
CA ILE A 203 -4.13 0.51 -1.49
C ILE A 203 -4.30 0.54 0.03
N VAL A 204 -3.35 -0.06 0.74
CA VAL A 204 -3.42 -0.07 2.19
C VAL A 204 -3.31 1.36 2.75
N SER A 205 -4.37 1.80 3.42
CA SER A 205 -4.42 3.13 4.01
C SER A 205 -3.63 3.14 5.31
N GLY A 206 -2.62 4.00 5.38
CA GLY A 206 -1.79 4.09 6.57
C GLY A 206 -2.30 4.88 7.76
N GLY A 207 -1.69 4.61 8.92
CA GLY A 207 -2.07 5.30 10.14
C GLY A 207 -3.08 4.61 11.05
N HIS A 208 -3.07 3.28 11.07
CA HIS A 208 -4.02 2.54 11.90
C HIS A 208 -3.41 1.48 12.80
N GLU A 209 -3.83 1.51 14.06
CA GLU A 209 -3.36 0.57 15.07
C GLU A 209 -3.62 -0.89 14.66
N CYS A 210 -2.65 -1.78 14.90
CA CYS A 210 -2.79 -3.21 14.56
C CYS A 210 -3.04 -4.03 15.84
N GLY A 211 -3.83 -5.09 15.71
CA GLY A 211 -4.12 -5.96 16.83
C GLY A 211 -5.25 -5.55 17.75
N VAL A 212 -6.30 -4.91 17.22
CA VAL A 212 -7.42 -4.47 18.05
C VAL A 212 -8.76 -4.93 17.47
N ALA A 213 -9.43 -5.85 18.14
CA ALA A 213 -10.72 -6.35 17.69
C ALA A 213 -11.68 -5.22 17.34
N THR A 214 -12.43 -5.43 16.25
CA THR A 214 -13.42 -4.48 15.71
C THR A 214 -12.82 -3.26 15.00
N LYS A 215 -11.50 -3.19 14.90
CA LYS A 215 -10.84 -2.08 14.20
C LYS A 215 -10.06 -2.64 12.99
N PRO A 216 -10.77 -3.07 11.93
CA PRO A 216 -10.11 -3.62 10.75
C PRO A 216 -9.25 -2.59 10.02
N GLY A 217 -8.61 -3.01 8.94
CA GLY A 217 -7.80 -2.10 8.17
C GLY A 217 -8.67 -1.37 7.17
N ILE A 218 -8.29 -0.14 6.87
CA ILE A 218 -9.04 0.65 5.92
C ILE A 218 -8.23 0.57 4.64
N TYR A 219 -8.89 0.59 3.50
CA TYR A 219 -8.17 0.54 2.24
C TYR A 219 -8.73 1.57 1.29
N THR A 220 -7.89 2.12 0.43
CA THR A 220 -8.32 3.13 -0.53
C THR A 220 -8.64 2.40 -1.82
N LEU A 221 -9.90 2.40 -2.22
CA LEU A 221 -10.32 1.70 -3.43
C LEU A 221 -10.00 2.41 -4.74
N LEU A 222 -9.42 1.69 -5.69
CA LEU A 222 -9.07 2.29 -6.97
C LEU A 222 -10.35 2.50 -7.75
N THR A 223 -11.15 3.47 -7.28
CA THR A 223 -12.42 3.80 -7.93
C THR A 223 -12.20 4.74 -9.13
N LYS A 224 -13.18 4.83 -10.02
CA LYS A 224 -13.09 5.70 -11.19
C LYS A 224 -12.49 7.03 -10.79
N LYS A 225 -12.89 7.54 -9.64
CA LYS A 225 -12.37 8.80 -9.12
C LYS A 225 -10.84 8.85 -9.18
N TYR A 226 -10.19 7.77 -8.78
CA TYR A 226 -8.74 7.72 -8.78
C TYR A 226 -8.15 7.18 -10.09
N GLN A 227 -8.96 6.54 -10.91
CA GLN A 227 -8.46 6.03 -12.19
C GLN A 227 -8.24 7.28 -13.01
N THR A 228 -9.24 8.14 -12.97
CA THR A 228 -9.20 9.39 -13.68
C THR A 228 -7.94 10.12 -13.25
N TRP A 229 -7.79 10.35 -11.96
CA TRP A 229 -6.62 11.04 -11.44
C TRP A 229 -5.33 10.39 -11.95
N ILE A 230 -5.20 9.08 -11.79
CA ILE A 230 -4.02 8.34 -12.24
C ILE A 230 -3.79 8.62 -13.73
N LYS A 231 -4.81 8.38 -14.54
CA LYS A 231 -4.67 8.56 -15.97
C LYS A 231 -4.14 9.93 -16.38
N SER A 232 -4.61 10.99 -15.73
CA SER A 232 -4.14 12.33 -16.09
C SER A 232 -2.65 12.56 -15.88
N ASN A 233 -2.15 12.08 -14.75
CA ASN A 233 -0.74 12.25 -14.45
C ASN A 233 0.11 11.42 -15.39
N LEU A 234 -0.22 10.15 -15.52
CA LEU A 234 0.55 9.27 -16.40
C LEU A 234 0.23 9.48 -17.87
N VAL A 235 -0.92 10.10 -18.15
CA VAL A 235 -1.32 10.36 -19.53
C VAL A 235 -1.98 11.73 -19.63
N PRO A 236 -1.44 12.64 -20.45
CA PRO A 236 -0.24 12.36 -21.25
C PRO A 236 1.03 12.45 -20.41
N PRO A 237 2.15 11.96 -20.95
CA PRO A 237 3.46 11.96 -20.29
C PRO A 237 4.23 13.25 -20.61
N HIS A 238 5.47 13.10 -21.05
CA HIS A 238 6.32 14.24 -21.40
C HIS A 238 7.15 13.93 -22.63
N THR A 239 6.65 13.03 -23.47
CA THR A 239 7.34 12.63 -24.69
C THR A 239 7.51 13.82 -25.63
N ASN A 240 6.39 14.48 -25.95
CA ASN A 240 6.40 15.64 -26.84
C ASN A 240 6.94 16.87 -26.11
#